data_5DW7
#
_entry.id   5DW7
#
_cell.length_a   76.780
_cell.length_b   76.780
_cell.length_c   130.599
_cell.angle_alpha   90.00
_cell.angle_beta   90.00
_cell.angle_gamma   90.00
#
_symmetry.space_group_name_H-M   'P 43 21 2'
#
loop_
_entity.id
_entity.type
_entity.pdbx_description
1 polymer 'Germacradienol/geosmin synthase'
2 water water
#
_entity_poly.entity_id   1
_entity_poly.type   'polypeptide(L)'
_entity_poly.pdbx_seq_one_letter_code
;MTQQPFQLPHFYLPHPARLNPHLDEARAHSTTWAREMGMLEGSGVWEQSDLEAHDYGLLCAYTHPDCDGPALSLITDWYV
WVFFFDDHFLEKYKRSQDRLAGKAHLDRLPLFMPLDDAAGMPEPRNPVEAGLADLWTRTVPAMSADWRRRFAVATEHLLN
ESMWELSNINEGRVANPVEYIEMRRKVGGAPWSAGLVEYATAEVPAAVAGTRPLRVLMETFSDAVHLRNDLFSYQREVED
EGELSNGVLVLETFFGCTTQEAADLVNDVLTSRLHQFEHTAFTEVPAVALEKGLTPLEVAAVGAYTKGLQDWQSGGHEWH
MRSSRYMNKGERPLAGWQALTGPGTSAADVGALLADAVAQRARSYT
;
_entity_poly.pdbx_strand_id   A
#
# COMPACT_ATOMS: atom_id res chain seq x y z
N GLN A 4 -9.09 -24.07 0.51
CA GLN A 4 -9.53 -22.69 0.35
C GLN A 4 -10.71 -22.38 1.27
N PRO A 5 -10.66 -21.21 1.94
CA PRO A 5 -11.71 -20.80 2.89
C PRO A 5 -13.05 -20.53 2.21
N PHE A 6 -12.98 -19.98 0.99
CA PHE A 6 -14.17 -19.71 0.20
C PHE A 6 -13.82 -19.60 -1.28
N GLN A 7 -14.81 -19.77 -2.13
CA GLN A 7 -14.61 -19.59 -3.57
C GLN A 7 -14.59 -18.11 -3.90
N LEU A 8 -13.55 -17.67 -4.61
CA LEU A 8 -13.37 -16.26 -4.95
C LEU A 8 -14.59 -15.72 -5.70
N PRO A 9 -15.14 -14.61 -5.20
CA PRO A 9 -16.35 -13.99 -5.78
C PRO A 9 -16.09 -13.40 -7.16
N HIS A 10 -17.13 -12.83 -7.76
CA HIS A 10 -16.99 -12.25 -9.10
C HIS A 10 -16.45 -10.83 -8.98
N PHE A 11 -15.25 -10.61 -9.51
CA PHE A 11 -14.58 -9.32 -9.39
C PHE A 11 -14.96 -8.37 -10.51
N TYR A 12 -15.08 -7.10 -10.18
CA TYR A 12 -15.30 -6.06 -11.18
C TYR A 12 -13.96 -5.48 -11.60
N LEU A 13 -13.57 -5.76 -12.85
CA LEU A 13 -12.26 -5.37 -13.35
C LEU A 13 -12.37 -4.61 -14.66
N PRO A 14 -12.75 -3.32 -14.59
CA PRO A 14 -12.94 -2.49 -15.78
C PRO A 14 -11.66 -2.24 -16.55
N HIS A 15 -10.56 -2.01 -15.85
CA HIS A 15 -9.29 -1.70 -16.49
C HIS A 15 -8.29 -2.84 -16.34
N PRO A 16 -7.88 -3.44 -17.46
CA PRO A 16 -6.88 -4.51 -17.50
C PRO A 16 -5.53 -4.07 -16.95
N ALA A 17 -4.85 -4.96 -16.23
CA ALA A 17 -3.57 -4.64 -15.64
C ALA A 17 -2.45 -4.68 -16.68
N ARG A 18 -1.54 -3.72 -16.58
CA ARG A 18 -0.39 -3.66 -17.48
C ARG A 18 0.89 -3.90 -16.69
N LEU A 19 1.85 -4.58 -17.32
CA LEU A 19 3.10 -4.94 -16.65
C LEU A 19 4.24 -4.01 -17.06
N ASN A 20 5.08 -3.66 -16.10
CA ASN A 20 6.22 -2.79 -16.35
C ASN A 20 7.39 -3.57 -16.96
N PRO A 21 7.88 -3.10 -18.12
CA PRO A 21 8.93 -3.78 -18.90
C PRO A 21 10.25 -3.97 -18.15
N HIS A 22 10.43 -3.24 -17.06
CA HIS A 22 11.67 -3.23 -16.30
C HIS A 22 11.67 -4.23 -15.14
N LEU A 23 10.65 -5.09 -15.11
CA LEU A 23 10.41 -6.03 -14.01
C LEU A 23 11.65 -6.77 -13.49
N ASP A 24 12.27 -7.59 -14.34
CA ASP A 24 13.43 -8.39 -13.95
C ASP A 24 14.52 -7.54 -13.27
N GLU A 25 14.78 -6.37 -13.84
CA GLU A 25 15.72 -5.42 -13.27
C GLU A 25 15.34 -5.06 -11.83
N ALA A 26 14.05 -4.80 -11.63
CA ALA A 26 13.53 -4.48 -10.31
C ALA A 26 13.66 -5.65 -9.34
N ARG A 27 13.53 -6.88 -9.87
CA ARG A 27 13.69 -8.07 -9.06
C ARG A 27 15.12 -8.22 -8.54
N ALA A 28 16.07 -8.23 -9.48
CA ALA A 28 17.48 -8.37 -9.13
C ALA A 28 17.92 -7.25 -8.19
N HIS A 29 17.52 -6.02 -8.53
CA HIS A 29 17.88 -4.86 -7.74
C HIS A 29 17.29 -4.91 -6.34
N SER A 30 16.03 -5.35 -6.23
CA SER A 30 15.37 -5.41 -4.92
C SER A 30 16.01 -6.47 -4.04
N THR A 31 16.34 -7.62 -4.63
CA THR A 31 17.02 -8.67 -3.89
C THR A 31 18.38 -8.19 -3.39
N THR A 32 19.18 -7.65 -4.31
CA THR A 32 20.51 -7.14 -3.97
C THR A 32 20.46 -6.06 -2.90
N TRP A 33 19.53 -5.13 -3.05
CA TRP A 33 19.37 -4.03 -2.11
C TRP A 33 18.95 -4.53 -0.73
N ALA A 34 17.99 -5.45 -0.71
CA ALA A 34 17.54 -6.05 0.54
C ALA A 34 18.70 -6.75 1.24
N ARG A 35 19.58 -7.36 0.45
CA ARG A 35 20.80 -7.94 1.01
C ARG A 35 21.70 -6.86 1.59
N GLU A 36 21.83 -5.75 0.87
CA GLU A 36 22.70 -4.66 1.28
C GLU A 36 22.22 -4.00 2.57
N MET A 37 20.92 -4.06 2.82
CA MET A 37 20.35 -3.47 4.03
C MET A 37 20.44 -4.41 5.22
N GLY A 38 20.76 -5.67 4.96
CA GLY A 38 20.86 -6.68 6.00
C GLY A 38 19.51 -7.25 6.38
N MET A 39 18.56 -7.14 5.46
CA MET A 39 17.21 -7.68 5.68
C MET A 39 17.17 -9.18 5.40
N LEU A 40 18.13 -9.65 4.63
CA LEU A 40 18.23 -11.07 4.28
C LEU A 40 18.91 -11.85 5.39
N GLU A 41 19.32 -13.08 5.09
CA GLU A 41 19.84 -14.00 6.10
C GLU A 41 20.90 -13.36 7.00
N GLY A 42 20.77 -13.60 8.30
CA GLY A 42 21.59 -12.95 9.30
C GLY A 42 20.78 -11.92 10.06
N SER A 43 19.61 -11.59 9.52
CA SER A 43 18.69 -10.64 10.17
C SER A 43 17.87 -11.32 11.27
N GLY A 44 17.48 -12.56 11.03
CA GLY A 44 16.61 -13.27 11.95
C GLY A 44 15.16 -13.06 11.59
N VAL A 45 14.94 -12.48 10.40
CA VAL A 45 13.59 -12.20 9.91
C VAL A 45 13.37 -12.84 8.55
N TRP A 46 14.12 -12.39 7.56
CA TRP A 46 13.98 -12.88 6.19
C TRP A 46 15.19 -13.67 5.71
N GLU A 47 14.93 -14.65 4.84
CA GLU A 47 15.98 -15.26 4.04
C GLU A 47 15.83 -14.71 2.62
N GLN A 48 16.71 -15.12 1.71
CA GLN A 48 16.60 -14.67 0.33
C GLN A 48 15.42 -15.34 -0.35
N SER A 49 15.19 -16.61 -0.03
CA SER A 49 14.10 -17.38 -0.60
C SER A 49 12.74 -16.80 -0.24
N ASP A 50 12.64 -16.24 0.95
CA ASP A 50 11.38 -15.62 1.40
C ASP A 50 11.03 -14.42 0.54
N LEU A 51 12.01 -13.52 0.38
CA LEU A 51 11.83 -12.32 -0.43
C LEU A 51 11.56 -12.67 -1.89
N GLU A 52 12.29 -13.66 -2.39
CA GLU A 52 12.13 -14.10 -3.77
C GLU A 52 10.76 -14.75 -3.99
N ALA A 53 10.22 -15.37 -2.94
CA ALA A 53 8.91 -16.01 -3.02
C ALA A 53 7.78 -14.98 -2.94
N HIS A 54 8.00 -13.94 -2.14
CA HIS A 54 7.02 -12.86 -2.03
C HIS A 54 6.84 -12.15 -3.36
N ASP A 55 7.95 -11.91 -4.05
CA ASP A 55 7.97 -11.29 -5.38
C ASP A 55 7.24 -9.94 -5.39
N TYR A 56 7.79 -8.98 -4.65
CA TYR A 56 7.20 -7.65 -4.57
C TYR A 56 7.53 -6.84 -5.83
N GLY A 57 8.54 -7.31 -6.57
CA GLY A 57 8.91 -6.68 -7.82
C GLY A 57 7.78 -6.79 -8.83
N LEU A 58 7.09 -7.93 -8.82
CA LEU A 58 5.94 -8.14 -9.70
C LEU A 58 4.79 -7.24 -9.27
N LEU A 59 4.65 -7.05 -7.97
CA LEU A 59 3.62 -6.18 -7.42
C LEU A 59 3.82 -4.74 -7.87
N CYS A 60 5.06 -4.26 -7.76
CA CYS A 60 5.37 -2.88 -8.12
C CYS A 60 5.36 -2.67 -9.63
N ALA A 61 5.75 -3.70 -10.37
CA ALA A 61 5.74 -3.62 -11.83
C ALA A 61 4.31 -3.67 -12.37
N TYR A 62 3.43 -4.33 -11.63
CA TYR A 62 2.02 -4.41 -12.00
C TYR A 62 1.29 -3.12 -11.63
N THR A 63 1.59 -2.60 -10.45
CA THR A 63 0.90 -1.41 -9.94
C THR A 63 1.40 -0.10 -10.53
N HIS A 64 2.67 -0.06 -10.91
CA HIS A 64 3.25 1.16 -11.50
C HIS A 64 3.87 0.86 -12.87
N PRO A 65 3.02 0.64 -13.88
CA PRO A 65 3.48 0.19 -15.21
C PRO A 65 4.22 1.26 -16.02
N ASP A 66 3.90 2.53 -15.81
CA ASP A 66 4.40 3.59 -16.69
C ASP A 66 5.71 4.22 -16.24
N CYS A 67 6.16 3.91 -15.02
CA CYS A 67 7.42 4.46 -14.54
C CYS A 67 8.59 3.71 -15.15
N ASP A 68 9.75 4.36 -15.22
CA ASP A 68 10.94 3.72 -15.79
C ASP A 68 11.59 2.78 -14.79
N GLY A 69 12.69 2.16 -15.21
CA GLY A 69 13.35 1.15 -14.41
C GLY A 69 13.80 1.51 -13.01
N PRO A 70 14.65 2.56 -12.89
CA PRO A 70 15.18 2.95 -11.59
C PRO A 70 14.11 3.41 -10.59
N ALA A 71 13.11 4.13 -11.07
CA ALA A 71 12.00 4.57 -10.21
C ALA A 71 11.23 3.35 -9.69
N LEU A 72 11.00 2.40 -10.59
CA LEU A 72 10.37 1.14 -10.24
C LEU A 72 11.20 0.41 -9.18
N SER A 73 12.52 0.47 -9.33
CA SER A 73 13.43 -0.13 -8.37
C SER A 73 13.29 0.53 -7.00
N LEU A 74 13.17 1.85 -7.01
CA LEU A 74 13.00 2.62 -5.78
C LEU A 74 11.71 2.24 -5.06
N ILE A 75 10.60 2.24 -5.80
CA ILE A 75 9.31 1.86 -5.27
C ILE A 75 9.35 0.45 -4.71
N THR A 76 10.01 -0.44 -5.44
CA THR A 76 10.14 -1.84 -5.03
C THR A 76 10.91 -1.94 -3.73
N ASP A 77 11.97 -1.14 -3.59
CA ASP A 77 12.75 -1.12 -2.36
C ASP A 77 11.91 -0.58 -1.20
N TRP A 78 11.02 0.36 -1.51
CA TRP A 78 10.10 0.90 -0.50
C TRP A 78 9.17 -0.20 0.02
N TYR A 79 8.52 -0.91 -0.90
CA TYR A 79 7.61 -1.98 -0.52
C TYR A 79 8.32 -3.10 0.23
N VAL A 80 9.49 -3.51 -0.27
CA VAL A 80 10.32 -4.50 0.41
C VAL A 80 10.62 -4.03 1.83
N TRP A 81 10.94 -2.75 1.97
CA TRP A 81 11.25 -2.19 3.29
C TRP A 81 10.08 -2.20 4.24
N VAL A 82 8.89 -1.84 3.76
CA VAL A 82 7.75 -1.75 4.67
C VAL A 82 7.23 -3.14 5.05
N PHE A 83 7.32 -4.08 4.12
CA PHE A 83 6.93 -5.46 4.41
C PHE A 83 7.92 -6.09 5.38
N PHE A 84 9.21 -5.80 5.17
CA PHE A 84 10.24 -6.24 6.10
C PHE A 84 10.04 -5.58 7.46
N PHE A 85 9.49 -4.37 7.46
CA PHE A 85 9.20 -3.68 8.71
C PHE A 85 8.11 -4.40 9.46
N ASP A 86 7.05 -4.77 8.75
CA ASP A 86 5.94 -5.49 9.35
C ASP A 86 6.43 -6.81 9.95
N ASP A 87 7.21 -7.56 9.17
CA ASP A 87 7.71 -8.84 9.64
C ASP A 87 8.67 -8.70 10.82
N HIS A 88 9.60 -7.74 10.72
CA HIS A 88 10.58 -7.50 11.77
C HIS A 88 9.93 -7.07 13.07
N PHE A 89 8.86 -6.27 12.96
CA PHE A 89 8.13 -5.81 14.13
C PHE A 89 7.32 -6.94 14.72
N LEU A 90 6.82 -7.82 13.86
CA LEU A 90 6.03 -8.97 14.31
C LEU A 90 6.93 -10.10 14.78
N GLU A 91 8.24 -9.90 14.65
CA GLU A 91 9.22 -10.90 15.06
C GLU A 91 9.94 -10.50 16.34
N LYS A 92 10.68 -9.39 16.27
CA LYS A 92 11.52 -8.95 17.38
C LYS A 92 10.73 -8.36 18.54
N TYR A 93 9.55 -7.83 18.27
CA TYR A 93 8.78 -7.13 19.29
C TYR A 93 7.47 -7.84 19.62
N LYS A 94 6.57 -7.92 18.66
CA LYS A 94 5.25 -8.50 18.85
C LYS A 94 5.30 -9.93 19.37
N ARG A 95 6.22 -10.73 18.84
CA ARG A 95 6.37 -12.12 19.24
C ARG A 95 6.92 -12.24 20.65
N SER A 96 7.90 -11.40 20.99
CA SER A 96 8.51 -11.41 22.31
C SER A 96 7.70 -10.59 23.30
N GLN A 97 6.66 -9.92 22.80
CA GLN A 97 5.75 -9.11 23.61
C GLN A 97 6.48 -8.04 24.41
N ASP A 98 7.46 -7.39 23.78
CA ASP A 98 8.14 -6.27 24.40
C ASP A 98 7.62 -4.96 23.81
N ARG A 99 6.86 -4.22 24.61
CA ARG A 99 6.22 -3.01 24.14
C ARG A 99 7.17 -1.82 24.11
N LEU A 100 8.05 -1.75 25.10
CA LEU A 100 8.96 -0.61 25.24
C LEU A 100 9.96 -0.52 24.10
N ALA A 101 10.53 -1.66 23.73
CA ALA A 101 11.51 -1.73 22.65
C ALA A 101 10.90 -1.29 21.32
N GLY A 102 9.70 -1.81 21.04
CA GLY A 102 8.99 -1.46 19.82
C GLY A 102 8.56 -0.01 19.82
N LYS A 103 8.23 0.52 20.99
CA LYS A 103 7.83 1.91 21.12
C LYS A 103 9.01 2.84 20.83
N ALA A 104 10.16 2.50 21.41
CA ALA A 104 11.38 3.26 21.16
C ALA A 104 11.80 3.17 19.70
N HIS A 105 11.55 2.00 19.10
CA HIS A 105 11.82 1.79 17.69
C HIS A 105 10.97 2.72 16.83
N LEU A 106 9.66 2.68 17.06
CA LEU A 106 8.71 3.51 16.34
C LEU A 106 8.96 4.99 16.60
N ASP A 107 9.61 5.30 17.71
CA ASP A 107 10.02 6.68 17.99
C ASP A 107 11.26 7.05 17.19
N ARG A 108 12.13 6.07 16.98
CA ARG A 108 13.39 6.30 16.26
C ARG A 108 13.21 6.38 14.75
N LEU A 109 12.17 5.73 14.24
CA LEU A 109 11.96 5.67 12.79
C LEU A 109 11.75 7.03 12.10
N PRO A 110 10.92 7.92 12.66
CA PRO A 110 10.73 9.21 11.96
C PRO A 110 11.99 10.07 11.88
N LEU A 111 12.99 9.77 12.70
CA LEU A 111 14.23 10.54 12.71
C LEU A 111 15.03 10.36 11.43
N PHE A 112 14.72 9.31 10.67
CA PHE A 112 15.44 9.01 9.44
C PHE A 112 14.77 9.64 8.23
N MET A 113 13.71 10.41 8.46
CA MET A 113 13.05 11.14 7.40
C MET A 113 13.00 12.64 7.70
N PRO A 114 14.16 13.31 7.66
CA PRO A 114 14.20 14.75 7.97
C PRO A 114 13.56 15.61 6.89
N LEU A 115 12.88 16.67 7.29
CA LEU A 115 12.21 17.56 6.34
C LEU A 115 12.94 18.90 6.24
N PRO A 122 21.16 10.37 11.63
CA PRO A 122 21.28 9.39 12.71
C PRO A 122 21.83 8.05 12.22
N GLU A 123 22.43 7.29 13.13
CA GLU A 123 23.02 6.00 12.79
C GLU A 123 22.05 4.85 13.08
N PRO A 124 21.77 4.04 12.05
CA PRO A 124 20.81 2.93 12.13
C PRO A 124 21.26 1.81 13.06
N ARG A 125 20.38 1.38 13.96
CA ARG A 125 20.67 0.24 14.82
C ARG A 125 20.13 -1.07 14.26
N ASN A 126 19.28 -0.98 13.23
CA ASN A 126 18.65 -2.16 12.65
C ASN A 126 18.42 -2.00 11.14
N PRO A 127 18.29 -3.12 10.40
CA PRO A 127 18.04 -3.09 8.96
C PRO A 127 16.87 -2.20 8.54
N VAL A 128 15.86 -2.06 9.40
CA VAL A 128 14.71 -1.21 9.09
C VAL A 128 15.14 0.25 8.99
N GLU A 129 15.93 0.70 9.95
CA GLU A 129 16.41 2.08 9.98
C GLU A 129 17.37 2.37 8.83
N ALA A 130 18.20 1.39 8.51
CA ALA A 130 19.14 1.52 7.39
C ALA A 130 18.38 1.63 6.07
N GLY A 131 17.42 0.73 5.88
CA GLY A 131 16.60 0.74 4.69
C GLY A 131 15.84 2.04 4.53
N LEU A 132 15.23 2.50 5.62
CA LEU A 132 14.49 3.75 5.60
C LEU A 132 15.40 4.94 5.29
N ALA A 133 16.62 4.88 5.82
CA ALA A 133 17.61 5.94 5.58
C ALA A 133 17.99 6.01 4.10
N ASP A 134 18.42 4.87 3.55
CA ASP A 134 18.80 4.80 2.14
C ASP A 134 17.65 5.22 1.23
N LEU A 135 16.45 4.71 1.55
CA LEU A 135 15.25 5.02 0.78
C LEU A 135 14.93 6.50 0.79
N TRP A 136 15.03 7.13 1.96
CA TRP A 136 14.78 8.57 2.06
C TRP A 136 15.81 9.32 1.22
N THR A 137 17.08 8.94 1.38
CA THR A 137 18.17 9.55 0.64
C THR A 137 17.95 9.52 -0.87
N ARG A 138 17.49 8.38 -1.38
CA ARG A 138 17.27 8.20 -2.81
C ARG A 138 15.99 8.86 -3.32
N THR A 139 14.94 8.82 -2.49
CA THR A 139 13.61 9.28 -2.89
C THR A 139 13.47 10.80 -2.86
N VAL A 140 14.01 11.42 -1.81
CA VAL A 140 13.78 12.84 -1.55
C VAL A 140 14.12 13.81 -2.70
N PRO A 141 15.29 13.66 -3.37
CA PRO A 141 15.61 14.64 -4.41
C PRO A 141 14.62 14.67 -5.59
N ALA A 142 13.77 13.65 -5.72
CA ALA A 142 12.85 13.57 -6.84
C ALA A 142 11.49 14.22 -6.56
N MET A 143 11.24 14.58 -5.30
CA MET A 143 9.94 15.14 -4.93
C MET A 143 10.07 16.46 -4.18
N SER A 144 8.97 17.20 -4.10
CA SER A 144 8.96 18.50 -3.43
C SER A 144 8.85 18.33 -1.91
N ALA A 145 8.83 19.46 -1.20
CA ALA A 145 8.77 19.46 0.25
C ALA A 145 7.39 19.02 0.75
N ASP A 146 6.35 19.42 0.01
CA ASP A 146 4.98 19.08 0.37
C ASP A 146 4.78 17.57 0.34
N TRP A 147 5.27 16.93 -0.73
CA TRP A 147 5.19 15.48 -0.85
C TRP A 147 6.00 14.82 0.25
N ARG A 148 7.14 15.41 0.60
CA ARG A 148 7.98 14.89 1.66
C ARG A 148 7.21 14.85 2.97
N ARG A 149 6.57 15.97 3.31
CA ARG A 149 5.78 16.08 4.53
C ARG A 149 4.62 15.08 4.53
N ARG A 150 3.84 15.09 3.47
CA ARG A 150 2.66 14.22 3.37
C ARG A 150 3.01 12.74 3.46
N PHE A 151 4.06 12.35 2.73
CA PHE A 151 4.47 10.94 2.69
C PHE A 151 5.13 10.53 3.99
N ALA A 152 5.78 11.47 4.67
CA ALA A 152 6.35 11.21 5.97
C ALA A 152 5.24 10.97 6.99
N VAL A 153 4.19 11.78 6.89
CA VAL A 153 3.03 11.63 7.77
C VAL A 153 2.32 10.30 7.53
N ALA A 154 2.09 9.97 6.26
CA ALA A 154 1.45 8.71 5.92
C ALA A 154 2.27 7.52 6.39
N THR A 155 3.58 7.59 6.14
CA THR A 155 4.50 6.54 6.57
C THR A 155 4.43 6.36 8.08
N GLU A 156 4.57 7.45 8.82
CA GLU A 156 4.51 7.40 10.28
C GLU A 156 3.18 6.84 10.78
N HIS A 157 2.10 7.16 10.06
CA HIS A 157 0.79 6.59 10.37
C HIS A 157 0.83 5.08 10.27
N LEU A 158 1.29 4.59 9.12
CA LEU A 158 1.36 3.15 8.85
C LEU A 158 2.24 2.43 9.87
N LEU A 159 3.38 3.03 10.21
CA LEU A 159 4.30 2.46 11.17
C LEU A 159 3.69 2.41 12.57
N ASN A 160 3.12 3.53 13.00
CA ASN A 160 2.53 3.63 14.33
C ASN A 160 1.26 2.79 14.46
N GLU A 161 0.71 2.35 13.34
CA GLU A 161 -0.48 1.50 13.37
C GLU A 161 -0.14 0.10 13.88
N SER A 162 1.15 -0.24 13.86
CA SER A 162 1.60 -1.55 14.32
C SER A 162 1.75 -1.56 15.84
N MET A 163 1.45 -0.43 16.46
CA MET A 163 1.55 -0.28 17.91
C MET A 163 0.47 -1.07 18.66
N TRP A 164 -0.43 -1.73 17.93
CA TRP A 164 -1.56 -2.33 18.61
C TRP A 164 -1.22 -3.74 19.05
N GLU A 165 -1.05 -3.84 20.37
CA GLU A 165 -0.74 -5.07 21.08
C GLU A 165 -1.72 -5.09 22.24
N LEU A 166 -1.57 -4.06 23.08
CA LEU A 166 -2.52 -3.74 24.16
C LEU A 166 -3.97 -3.86 23.70
N ASN A 176 -18.01 -4.23 13.66
CA ASN A 176 -18.72 -3.13 13.02
C ASN A 176 -18.10 -2.79 11.67
N PRO A 177 -18.81 -3.13 10.57
CA PRO A 177 -18.31 -3.00 9.20
C PRO A 177 -17.96 -1.57 8.79
N VAL A 178 -18.84 -0.63 9.09
CA VAL A 178 -18.61 0.77 8.73
C VAL A 178 -17.41 1.30 9.49
N GLU A 179 -17.37 1.00 10.79
CA GLU A 179 -16.24 1.37 11.64
C GLU A 179 -14.93 0.79 11.11
N TYR A 180 -14.98 -0.48 10.69
CA TYR A 180 -13.81 -1.16 10.17
C TYR A 180 -13.29 -0.50 8.89
N ILE A 181 -14.19 -0.29 7.93
CA ILE A 181 -13.81 0.30 6.66
C ILE A 181 -13.28 1.72 6.83
N GLU A 182 -13.98 2.51 7.66
CA GLU A 182 -13.59 3.90 7.87
C GLU A 182 -12.26 4.02 8.62
N MET A 183 -12.02 3.14 9.58
CA MET A 183 -10.76 3.16 10.33
C MET A 183 -9.60 2.68 9.47
N ARG A 184 -9.82 1.58 8.75
CA ARG A 184 -8.81 1.05 7.84
C ARG A 184 -8.49 2.04 6.73
N ARG A 185 -9.46 2.88 6.40
CA ARG A 185 -9.27 3.92 5.40
C ARG A 185 -8.16 4.87 5.83
N LYS A 186 -8.16 5.24 7.10
CA LYS A 186 -7.14 6.13 7.65
C LYS A 186 -5.83 5.41 7.95
N VAL A 187 -5.92 4.24 8.57
CA VAL A 187 -4.73 3.55 9.09
C VAL A 187 -4.16 2.51 8.12
N GLY A 188 -4.75 2.39 6.95
CA GLY A 188 -4.29 1.40 5.98
C GLY A 188 -3.00 1.80 5.28
N GLY A 189 -2.59 0.98 4.33
CA GLY A 189 -1.37 1.24 3.58
C GLY A 189 -1.65 1.85 2.21
N ALA A 190 -2.94 2.06 1.93
CA ALA A 190 -3.36 2.61 0.64
C ALA A 190 -2.92 4.07 0.40
N PRO A 191 -3.06 4.96 1.40
CA PRO A 191 -2.58 6.32 1.13
C PRO A 191 -1.06 6.39 0.94
N TRP A 192 -0.34 5.51 1.62
CA TRP A 192 1.11 5.40 1.49
C TRP A 192 1.47 5.01 0.06
N SER A 193 0.84 3.92 -0.39
CA SER A 193 1.00 3.42 -1.74
C SER A 193 0.62 4.49 -2.76
N ALA A 194 -0.35 5.33 -2.41
CA ALA A 194 -0.81 6.40 -3.28
C ALA A 194 0.20 7.53 -3.31
N GLY A 195 0.96 7.70 -2.23
CA GLY A 195 2.06 8.64 -2.20
C GLY A 195 3.12 8.17 -3.15
N LEU A 196 3.42 6.87 -3.10
CA LEU A 196 4.37 6.28 -4.03
C LEU A 196 3.85 6.35 -5.46
N VAL A 197 2.52 6.39 -5.61
CA VAL A 197 1.89 6.50 -6.92
C VAL A 197 2.09 7.90 -7.48
N GLU A 198 1.86 8.92 -6.65
CA GLU A 198 2.05 10.29 -7.09
C GLU A 198 3.55 10.60 -7.21
N TYR A 199 4.38 9.69 -6.70
CA TYR A 199 5.79 9.72 -7.08
C TYR A 199 5.97 9.11 -8.48
N ALA A 200 5.25 8.03 -8.73
CA ALA A 200 5.39 7.28 -9.98
C ALA A 200 4.92 8.07 -11.20
N THR A 201 3.89 8.89 -11.02
CA THR A 201 3.37 9.68 -12.13
C THR A 201 3.52 11.18 -11.89
N ALA A 202 2.63 11.73 -11.07
CA ALA A 202 2.68 13.15 -10.72
C ALA A 202 2.02 13.40 -9.37
N GLU A 203 2.51 14.40 -8.64
CA GLU A 203 1.95 14.75 -7.34
C GLU A 203 0.73 15.66 -7.49
N VAL A 204 -0.23 15.49 -6.59
CA VAL A 204 -1.46 16.26 -6.63
C VAL A 204 -1.24 17.70 -6.18
N PRO A 205 -1.64 18.67 -7.02
CA PRO A 205 -1.55 20.11 -6.71
C PRO A 205 -2.28 20.46 -5.42
N ALA A 206 -1.78 21.47 -4.71
CA ALA A 206 -2.34 21.86 -3.42
C ALA A 206 -3.71 22.52 -3.54
N ALA A 207 -4.05 22.95 -4.75
CA ALA A 207 -5.32 23.61 -5.00
C ALA A 207 -6.49 22.65 -4.83
N VAL A 208 -6.43 21.51 -5.53
CA VAL A 208 -7.50 20.53 -5.48
C VAL A 208 -7.24 19.45 -4.43
N ALA A 209 -6.15 19.59 -3.69
CA ALA A 209 -5.74 18.60 -2.71
C ALA A 209 -6.75 18.44 -1.57
N GLY A 210 -7.45 19.52 -1.25
CA GLY A 210 -8.39 19.51 -0.14
C GLY A 210 -9.84 19.44 -0.56
N THR A 211 -10.08 19.44 -1.87
CA THR A 211 -11.45 19.42 -2.40
C THR A 211 -12.11 18.07 -2.15
N ARG A 212 -13.44 18.07 -2.11
CA ARG A 212 -14.21 16.87 -1.86
C ARG A 212 -13.98 15.73 -2.87
N PRO A 213 -13.96 16.03 -4.19
CA PRO A 213 -13.76 14.92 -5.14
C PRO A 213 -12.45 14.14 -4.95
N LEU A 214 -11.39 14.81 -4.52
CA LEU A 214 -10.11 14.14 -4.31
C LEU A 214 -10.13 13.31 -3.03
N ARG A 215 -10.84 13.81 -2.02
CA ARG A 215 -11.01 13.09 -0.76
C ARG A 215 -11.84 11.84 -0.97
N VAL A 216 -12.87 11.95 -1.80
CA VAL A 216 -13.71 10.81 -2.16
C VAL A 216 -12.91 9.83 -3.01
N LEU A 217 -12.05 10.37 -3.86
CA LEU A 217 -11.14 9.56 -4.66
C LEU A 217 -10.27 8.69 -3.77
N MET A 218 -9.57 9.33 -2.84
CA MET A 218 -8.71 8.64 -1.88
C MET A 218 -9.50 7.64 -1.04
N GLU A 219 -10.72 8.03 -0.64
CA GLU A 219 -11.56 7.19 0.19
C GLU A 219 -11.95 5.90 -0.52
N THR A 220 -12.51 6.03 -1.72
CA THR A 220 -12.94 4.90 -2.52
C THR A 220 -11.76 4.00 -2.88
N PHE A 221 -10.65 4.62 -3.27
CA PHE A 221 -9.43 3.88 -3.59
C PHE A 221 -8.98 3.04 -2.41
N SER A 222 -8.85 3.68 -1.25
CA SER A 222 -8.42 3.02 -0.03
C SER A 222 -9.34 1.88 0.35
N ASP A 223 -10.64 2.14 0.36
CA ASP A 223 -11.63 1.13 0.71
C ASP A 223 -11.55 -0.07 -0.23
N ALA A 224 -11.44 0.21 -1.52
CA ALA A 224 -11.34 -0.86 -2.52
C ALA A 224 -10.12 -1.73 -2.29
N VAL A 225 -8.94 -1.10 -2.24
CA VAL A 225 -7.68 -1.81 -2.02
C VAL A 225 -7.71 -2.64 -0.75
N HIS A 226 -8.15 -2.03 0.35
CA HIS A 226 -8.20 -2.70 1.64
C HIS A 226 -9.15 -3.89 1.64
N LEU A 227 -10.34 -3.71 1.06
CA LEU A 227 -11.33 -4.79 0.99
C LEU A 227 -10.84 -5.96 0.15
N ARG A 228 -10.20 -5.64 -0.97
CA ARG A 228 -9.63 -6.68 -1.83
C ARG A 228 -8.55 -7.46 -1.07
N ASN A 229 -7.66 -6.71 -0.42
CA ASN A 229 -6.61 -7.31 0.39
C ASN A 229 -7.19 -8.21 1.48
N ASP A 230 -8.32 -7.80 2.05
CA ASP A 230 -9.00 -8.59 3.07
C ASP A 230 -9.56 -9.87 2.48
N LEU A 231 -10.07 -9.77 1.25
CA LEU A 231 -10.59 -10.95 0.55
C LEU A 231 -9.48 -11.96 0.27
N PHE A 232 -8.29 -11.48 -0.08
CA PHE A 232 -7.20 -12.38 -0.39
C PHE A 232 -6.37 -12.83 0.82
N SER A 233 -6.50 -12.13 1.94
CA SER A 233 -5.70 -12.44 3.12
C SER A 233 -6.42 -13.29 4.16
N TYR A 234 -7.68 -13.64 3.88
CA TYR A 234 -8.49 -14.39 4.84
C TYR A 234 -7.86 -15.72 5.22
N GLN A 235 -7.14 -16.32 4.27
CA GLN A 235 -6.47 -17.59 4.50
C GLN A 235 -5.35 -17.49 5.52
N ARG A 236 -4.41 -16.57 5.28
CA ARG A 236 -3.20 -16.48 6.09
C ARG A 236 -3.36 -15.61 7.34
N GLU A 237 -4.45 -14.85 7.42
CA GLU A 237 -4.64 -13.94 8.53
C GLU A 237 -5.68 -14.46 9.53
N VAL A 238 -6.92 -14.57 9.08
CA VAL A 238 -8.02 -14.97 9.96
C VAL A 238 -7.87 -16.40 10.46
N GLU A 239 -7.77 -17.35 9.53
CA GLU A 239 -7.70 -18.77 9.90
C GLU A 239 -6.35 -19.17 10.48
N ASP A 240 -5.28 -18.88 9.76
CA ASP A 240 -3.95 -19.33 10.16
C ASP A 240 -3.31 -18.48 11.26
N GLU A 241 -3.30 -17.16 11.08
CA GLU A 241 -2.66 -16.26 12.03
C GLU A 241 -3.56 -15.97 13.23
N GLY A 242 -4.84 -15.80 12.98
CA GLY A 242 -5.79 -15.45 14.03
C GLY A 242 -6.04 -13.96 14.10
N GLU A 243 -5.68 -13.25 13.05
CA GLU A 243 -5.90 -11.80 12.97
C GLU A 243 -7.39 -11.48 13.01
N LEU A 244 -7.78 -10.61 13.93
CA LEU A 244 -9.19 -10.30 14.13
C LEU A 244 -9.69 -9.21 13.18
N SER A 245 -8.78 -8.48 12.55
CA SER A 245 -9.18 -7.44 11.63
C SER A 245 -9.20 -7.95 10.20
N ASN A 246 -10.41 -8.15 9.67
CA ASN A 246 -10.63 -8.51 8.29
C ASN A 246 -12.03 -8.10 7.87
N GLY A 247 -12.21 -7.74 6.61
CA GLY A 247 -13.51 -7.35 6.12
C GLY A 247 -14.49 -8.52 6.19
N VAL A 248 -14.05 -9.64 5.61
CA VAL A 248 -14.86 -10.86 5.57
C VAL A 248 -15.23 -11.34 6.97
N LEU A 249 -14.26 -11.34 7.88
CA LEU A 249 -14.49 -11.78 9.24
C LEU A 249 -15.47 -10.86 9.97
N VAL A 250 -15.27 -9.56 9.82
CA VAL A 250 -16.14 -8.57 10.45
C VAL A 250 -17.58 -8.71 9.98
N LEU A 251 -17.78 -8.79 8.66
CA LEU A 251 -19.13 -8.95 8.12
C LEU A 251 -19.74 -10.30 8.51
N GLU A 252 -18.89 -11.32 8.58
CA GLU A 252 -19.33 -12.66 8.95
C GLU A 252 -19.86 -12.71 10.38
N THR A 253 -19.12 -12.08 11.30
CA THR A 253 -19.51 -12.09 12.71
C THR A 253 -20.66 -11.12 12.98
N PHE A 254 -20.67 -10.00 12.26
CA PHE A 254 -21.68 -8.98 12.45
C PHE A 254 -23.05 -9.41 11.92
N PHE A 255 -23.08 -9.89 10.68
CA PHE A 255 -24.34 -10.27 10.04
C PHE A 255 -24.72 -11.72 10.29
N GLY A 256 -23.79 -12.50 10.85
CA GLY A 256 -24.03 -13.90 11.09
C GLY A 256 -24.03 -14.72 9.82
N CYS A 257 -23.54 -14.13 8.74
CA CYS A 257 -23.48 -14.78 7.44
C CYS A 257 -22.37 -15.84 7.39
N THR A 258 -22.50 -16.78 6.46
CA THR A 258 -21.44 -17.75 6.21
C THR A 258 -20.27 -17.04 5.53
N THR A 259 -19.09 -17.65 5.60
CA THR A 259 -17.86 -17.06 5.06
C THR A 259 -18.01 -16.63 3.60
N GLN A 260 -18.66 -17.48 2.80
CA GLN A 260 -18.86 -17.19 1.39
C GLN A 260 -19.78 -15.99 1.19
N GLU A 261 -20.83 -15.90 2.00
CA GLU A 261 -21.76 -14.79 1.94
C GLU A 261 -21.05 -13.48 2.30
N ALA A 262 -20.21 -13.54 3.32
CA ALA A 262 -19.43 -12.39 3.75
C ALA A 262 -18.47 -11.96 2.64
N ALA A 263 -17.88 -12.95 1.96
CA ALA A 263 -16.99 -12.68 0.84
C ALA A 263 -17.72 -11.98 -0.30
N ASP A 264 -18.93 -12.46 -0.59
CA ASP A 264 -19.75 -11.88 -1.65
C ASP A 264 -20.19 -10.46 -1.31
N LEU A 265 -20.49 -10.22 -0.04
CA LEU A 265 -20.88 -8.90 0.43
C LEU A 265 -19.71 -7.91 0.32
N VAL A 266 -18.56 -8.32 0.85
CA VAL A 266 -17.35 -7.52 0.76
C VAL A 266 -17.01 -7.20 -0.69
N ASN A 267 -17.19 -8.19 -1.56
CA ASN A 267 -16.96 -7.99 -2.99
C ASN A 267 -17.94 -7.00 -3.60
N ASP A 268 -19.19 -7.05 -3.15
CA ASP A 268 -20.22 -6.12 -3.63
C ASP A 268 -19.86 -4.69 -3.25
N VAL A 269 -19.54 -4.49 -1.97
CA VAL A 269 -19.12 -3.19 -1.48
C VAL A 269 -17.90 -2.70 -2.25
N LEU A 270 -16.97 -3.63 -2.52
CA LEU A 270 -15.79 -3.34 -3.31
C LEU A 270 -16.16 -2.81 -4.70
N THR A 271 -17.10 -3.48 -5.35
CA THR A 271 -17.58 -3.07 -6.66
C THR A 271 -18.19 -1.67 -6.62
N SER A 272 -18.99 -1.42 -5.59
CA SER A 272 -19.61 -0.12 -5.40
C SER A 272 -18.55 0.98 -5.26
N ARG A 273 -17.55 0.71 -4.44
CA ARG A 273 -16.46 1.65 -4.21
C ARG A 273 -15.65 1.90 -5.47
N LEU A 274 -15.52 0.87 -6.30
CA LEU A 274 -14.82 1.01 -7.57
C LEU A 274 -15.62 1.87 -8.54
N HIS A 275 -16.94 1.71 -8.52
CA HIS A 275 -17.83 2.50 -9.37
C HIS A 275 -17.78 3.97 -8.97
N GLN A 276 -17.91 4.24 -7.68
CA GLN A 276 -17.81 5.61 -7.16
C GLN A 276 -16.44 6.20 -7.47
N PHE A 277 -15.41 5.36 -7.36
CA PHE A 277 -14.04 5.75 -7.70
C PHE A 277 -13.97 6.24 -9.14
N GLU A 278 -14.39 5.39 -10.07
CA GLU A 278 -14.34 5.72 -11.49
C GLU A 278 -15.15 6.99 -11.80
N HIS A 279 -16.34 7.07 -11.22
CA HIS A 279 -17.23 8.20 -11.44
C HIS A 279 -16.59 9.52 -10.99
N THR A 280 -16.18 9.58 -9.72
CA THR A 280 -15.61 10.81 -9.19
C THR A 280 -14.28 11.15 -9.85
N ALA A 281 -13.55 10.12 -10.29
CA ALA A 281 -12.24 10.32 -10.91
C ALA A 281 -12.33 10.90 -12.32
N PHE A 282 -13.16 10.28 -13.16
CA PHE A 282 -13.19 10.65 -14.57
C PHE A 282 -14.27 11.68 -14.90
N THR A 283 -15.00 12.14 -13.89
CA THR A 283 -16.02 13.16 -14.11
C THR A 283 -15.86 14.34 -13.13
N GLU A 284 -16.04 14.06 -11.84
CA GLU A 284 -16.04 15.10 -10.81
C GLU A 284 -14.67 15.75 -10.60
N VAL A 285 -13.61 14.95 -10.67
CA VAL A 285 -12.26 15.44 -10.44
C VAL A 285 -11.82 16.48 -11.50
N PRO A 286 -12.02 16.20 -12.80
CA PRO A 286 -11.68 17.26 -13.74
C PRO A 286 -12.59 18.48 -13.61
N ALA A 287 -13.81 18.26 -13.14
CA ALA A 287 -14.77 19.35 -12.94
C ALA A 287 -14.30 20.31 -11.85
N VAL A 288 -13.86 19.74 -10.73
CA VAL A 288 -13.35 20.55 -9.62
C VAL A 288 -11.95 21.07 -9.96
N ALA A 289 -11.29 20.43 -10.91
CA ALA A 289 -10.00 20.90 -11.39
C ALA A 289 -10.18 22.17 -12.21
N LEU A 290 -11.24 22.20 -13.01
CA LEU A 290 -11.57 23.38 -13.81
C LEU A 290 -12.24 24.45 -12.96
N GLU A 291 -12.88 24.03 -11.88
CA GLU A 291 -13.61 24.96 -11.01
C GLU A 291 -12.66 25.75 -10.12
N LYS A 292 -11.48 25.21 -9.87
CA LYS A 292 -10.48 25.87 -9.02
C LYS A 292 -9.52 26.71 -9.85
N GLY A 293 -9.76 26.76 -11.17
CA GLY A 293 -8.92 27.54 -12.06
C GLY A 293 -7.52 26.97 -12.18
N LEU A 294 -7.42 25.64 -12.14
CA LEU A 294 -6.14 24.96 -12.20
C LEU A 294 -5.57 25.00 -13.61
N THR A 295 -4.28 25.35 -13.72
CA THR A 295 -3.61 25.39 -15.02
C THR A 295 -3.50 24.00 -15.63
N PRO A 296 -3.63 23.91 -16.96
CA PRO A 296 -3.58 22.64 -17.71
C PRO A 296 -2.37 21.77 -17.37
N LEU A 297 -1.23 22.40 -17.07
CA LEU A 297 -0.03 21.67 -16.70
C LEU A 297 -0.25 20.85 -15.43
N GLU A 298 -0.98 21.44 -14.49
CA GLU A 298 -1.33 20.76 -13.24
C GLU A 298 -2.49 19.79 -13.46
N VAL A 299 -3.36 20.12 -14.39
CA VAL A 299 -4.49 19.25 -14.75
C VAL A 299 -3.96 17.91 -15.26
N ALA A 300 -2.93 17.97 -16.10
CA ALA A 300 -2.27 16.77 -16.60
C ALA A 300 -1.70 15.95 -15.45
N ALA A 301 -1.22 16.63 -14.42
CA ALA A 301 -0.68 15.97 -13.25
C ALA A 301 -1.78 15.24 -12.47
N VAL A 302 -2.93 15.89 -12.33
CA VAL A 302 -4.07 15.28 -11.64
C VAL A 302 -4.56 14.05 -12.39
N GLY A 303 -4.69 14.18 -13.71
CA GLY A 303 -5.12 13.08 -14.54
C GLY A 303 -4.16 11.90 -14.49
N ALA A 304 -2.86 12.22 -14.56
CA ALA A 304 -1.83 11.20 -14.47
C ALA A 304 -1.89 10.49 -13.11
N TYR A 305 -2.21 11.25 -12.07
CA TYR A 305 -2.37 10.71 -10.73
C TYR A 305 -3.54 9.73 -10.68
N THR A 306 -4.67 10.13 -11.25
CA THR A 306 -5.85 9.27 -11.32
C THR A 306 -5.55 7.97 -12.05
N LYS A 307 -4.94 8.09 -13.23
CA LYS A 307 -4.53 6.93 -14.02
C LYS A 307 -3.59 6.05 -13.20
N GLY A 308 -2.75 6.68 -12.39
CA GLY A 308 -1.85 5.97 -11.51
C GLY A 308 -2.60 5.14 -10.48
N LEU A 309 -3.67 5.72 -9.95
CA LEU A 309 -4.50 5.01 -8.97
C LEU A 309 -5.19 3.80 -9.60
N GLN A 310 -5.80 4.02 -10.77
CA GLN A 310 -6.44 2.93 -11.50
C GLN A 310 -5.47 1.80 -11.79
N ASP A 311 -4.30 2.17 -12.32
CA ASP A 311 -3.24 1.22 -12.61
C ASP A 311 -2.82 0.45 -11.35
N TRP A 312 -2.74 1.15 -10.22
CA TRP A 312 -2.35 0.51 -8.97
C TRP A 312 -3.38 -0.54 -8.57
N GLN A 313 -4.66 -0.18 -8.64
CA GLN A 313 -5.71 -1.13 -8.29
C GLN A 313 -5.66 -2.37 -9.17
N SER A 314 -5.63 -2.15 -10.49
CA SER A 314 -5.60 -3.25 -11.46
C SER A 314 -4.41 -4.17 -11.22
N GLY A 315 -3.21 -3.59 -11.22
CA GLY A 315 -1.99 -4.36 -11.02
C GLY A 315 -1.93 -5.05 -9.68
N GLY A 316 -2.59 -4.45 -8.69
CA GLY A 316 -2.66 -5.03 -7.35
C GLY A 316 -3.48 -6.29 -7.37
N HIS A 317 -4.68 -6.22 -7.94
CA HIS A 317 -5.52 -7.40 -8.07
C HIS A 317 -4.85 -8.48 -8.89
N GLU A 318 -4.17 -8.07 -9.95
CA GLU A 318 -3.48 -9.02 -10.82
C GLU A 318 -2.35 -9.71 -10.10
N TRP A 319 -1.63 -8.96 -9.26
CA TRP A 319 -0.54 -9.55 -8.48
C TRP A 319 -1.08 -10.52 -7.44
N HIS A 320 -2.21 -10.16 -6.83
CA HIS A 320 -2.87 -11.04 -5.86
C HIS A 320 -3.30 -12.35 -6.52
N MET A 321 -3.87 -12.25 -7.71
CA MET A 321 -4.41 -13.41 -8.40
C MET A 321 -3.31 -14.33 -8.97
N ARG A 322 -2.32 -13.72 -9.62
CA ARG A 322 -1.31 -14.48 -10.34
C ARG A 322 -0.18 -15.02 -9.45
N SER A 323 0.02 -14.40 -8.29
CA SER A 323 1.19 -14.74 -7.48
C SER A 323 0.89 -15.04 -6.01
N SER A 324 0.48 -14.03 -5.26
CA SER A 324 0.43 -14.10 -3.80
C SER A 324 -0.47 -15.19 -3.25
N ARG A 325 -1.57 -15.47 -3.94
CA ARG A 325 -2.56 -16.43 -3.43
C ARG A 325 -2.07 -17.87 -3.55
N TYR A 326 -0.96 -18.07 -4.24
CA TYR A 326 -0.36 -19.40 -4.35
C TYR A 326 0.77 -19.60 -3.35
N MET A 327 1.03 -18.57 -2.53
CA MET A 327 2.10 -18.62 -1.55
C MET A 327 1.58 -19.03 -0.17
#